data_5GG6
#
_entry.id   5GG6
#
_cell.length_a   57.109
_cell.length_b   89.500
_cell.length_c   59.930
_cell.angle_alpha   90.00
_cell.angle_beta   99.07
_cell.angle_gamma   90.00
#
_symmetry.space_group_name_H-M   'P 1 21 1'
#
loop_
_entity.id
_entity.type
_entity.pdbx_description
1 polymer 'Hydrolase, NUDIX family protein'
2 non-polymer "8-OXO-2'-DEOXYGUANOSINE-5'-TRIPHOSPHATE"
3 non-polymer 'MAGNESIUM ION'
4 non-polymer 'CHLORIDE ION'
5 non-polymer 1,2-ETHANEDIOL
6 water water
#
_entity_poly.entity_id   1
_entity_poly.type   'polypeptide(L)'
_entity_poly.pdbx_seq_one_letter_code
;MGSSHHHHHHSSGLVPRGSHMMPVDDLQEIPLSKDTTEKSKHTVRAAGAVLWRDASEHGGTTGHPATVEVAVIHRPRYDD
WSLPKGKLDQGETEPVAAAREIHEETGHTAVLGRRLGRVTYPIPQGTKRVWYWAAKSTGGDFSPNDEVDKLVWLPVDAAM
DQLQYPDDRKVLRRFVKRPVDTKTVLVVRHGTAGRRSRYKGDDRKRPLDKRGRAQAEALVAQLMAFGATTLYAADRVRCH
QTIEPLAQELDQLIHNEPLLTEEAYAADHKAARKRLLEIAGRPGNPVICTQGKVIPGLIEWWCERAKVRPETTGNRKGST
WVLSLSDGELVGADYLSPPDEK
;
_entity_poly.pdbx_strand_id   A,B
#
# COMPACT_ATOMS: atom_id res chain seq x y z
N HIS A 42 21.02 11.10 9.97
CA HIS A 42 19.92 10.17 10.39
C HIS A 42 18.68 10.99 10.83
N THR A 43 17.54 10.30 10.90
CA THR A 43 16.28 10.91 11.29
C THR A 43 16.00 10.55 12.75
N VAL A 44 15.87 11.56 13.58
CA VAL A 44 15.52 11.36 14.96
C VAL A 44 13.99 11.46 15.05
N ARG A 45 13.35 10.43 15.64
CA ARG A 45 11.91 10.41 15.77
C ARG A 45 11.48 10.80 17.15
N ALA A 46 10.52 11.70 17.23
CA ALA A 46 10.11 12.25 18.45
C ALA A 46 8.51 12.37 18.39
N ALA A 47 7.93 12.65 19.53
CA ALA A 47 6.49 12.90 19.62
C ALA A 47 6.20 13.81 20.77
N GLY A 48 5.09 14.53 20.65
CA GLY A 48 4.70 15.42 21.69
C GLY A 48 3.28 15.89 21.48
N ALA A 49 2.96 16.96 22.17
CA ALA A 49 1.58 17.44 22.13
C ALA A 49 1.42 18.89 22.37
N VAL A 50 0.27 19.40 21.88
CA VAL A 50 -0.31 20.56 22.52
C VAL A 50 -1.16 20.09 23.66
N LEU A 51 -0.67 20.28 24.90
CA LEU A 51 -1.36 19.96 26.12
C LEU A 51 -2.27 21.11 26.47
N TRP A 52 -3.52 20.79 26.75
CA TRP A 52 -4.52 21.79 27.05
C TRP A 52 -5.36 21.43 28.23
N ARG A 53 -5.95 22.46 28.84
CA ARG A 53 -6.95 22.27 29.85
C ARG A 53 -8.01 23.35 29.66
N ASP A 54 -9.17 23.10 30.23
CA ASP A 54 -10.22 24.11 30.21
C ASP A 54 -9.85 25.26 31.15
N ALA A 55 -9.90 26.52 30.72
CA ALA A 55 -9.84 27.63 31.68
C ALA A 55 -11.25 27.94 32.21
N THR A 67 -13.58 27.95 27.27
CA THR A 67 -12.35 28.19 26.51
C THR A 67 -11.08 27.58 27.15
N VAL A 68 -10.06 27.50 26.34
CA VAL A 68 -9.00 26.55 26.55
C VAL A 68 -7.68 27.29 26.80
N GLU A 69 -6.76 26.67 27.56
CA GLU A 69 -5.41 27.19 27.71
C GLU A 69 -4.48 26.04 27.35
N VAL A 70 -3.29 26.40 26.84
CA VAL A 70 -2.32 25.43 26.44
C VAL A 70 -0.99 25.69 27.10
N ALA A 71 -0.23 24.61 27.29
CA ALA A 71 1.03 24.68 27.96
C ALA A 71 2.18 25.00 26.99
N VAL A 72 3.01 25.97 27.35
CA VAL A 72 4.23 26.28 26.65
C VAL A 72 5.36 26.20 27.64
N ILE A 73 6.38 25.45 27.25
CA ILE A 73 7.49 25.22 28.12
C ILE A 73 8.74 26.00 27.76
N HIS A 74 9.49 26.36 28.80
CA HIS A 74 10.76 27.06 28.62
C HIS A 74 11.96 26.16 28.92
N ARG A 75 12.98 26.17 28.07
CA ARG A 75 14.15 25.39 28.22
C ARG A 75 15.42 26.30 28.31
N PRO A 76 16.15 26.24 29.42
CA PRO A 76 17.29 27.16 29.46
C PRO A 76 18.40 26.81 28.48
N ARG A 77 18.56 25.53 28.13
CA ARG A 77 19.55 25.20 27.14
C ARG A 77 19.50 26.10 25.89
N TYR A 78 18.31 26.45 25.42
CA TYR A 78 18.23 27.31 24.22
C TYR A 78 17.58 28.64 24.55
N ASP A 79 17.15 28.87 25.81
CA ASP A 79 16.31 30.02 26.21
C ASP A 79 15.16 30.12 25.24
N ASP A 80 14.50 28.97 25.05
CA ASP A 80 13.44 28.87 24.08
C ASP A 80 12.14 28.47 24.75
N TRP A 81 11.06 28.77 24.05
CA TRP A 81 9.74 28.44 24.46
C TRP A 81 9.20 27.51 23.32
N SER A 82 8.54 26.41 23.66
CA SER A 82 8.27 25.36 22.68
C SER A 82 7.21 24.44 23.27
N LEU A 83 6.89 23.36 22.56
CA LEU A 83 5.89 22.39 22.99
C LEU A 83 6.50 21.12 23.56
N PRO A 84 5.79 20.52 24.52
CA PRO A 84 6.42 19.36 25.19
C PRO A 84 6.47 18.20 24.23
N LYS A 85 7.65 17.58 24.13
CA LYS A 85 7.85 16.51 23.24
C LYS A 85 9.19 15.87 23.57
N GLY A 86 9.44 14.71 22.98
CA GLY A 86 10.75 14.07 23.09
C GLY A 86 10.90 12.84 22.24
N LYS A 87 12.06 12.20 22.35
CA LYS A 87 12.48 11.17 21.44
C LYS A 87 11.84 9.85 21.78
N LEU A 88 11.54 9.07 20.79
CA LEU A 88 10.96 7.74 21.00
C LEU A 88 12.09 6.85 21.54
N ASP A 89 11.77 6.07 22.56
CA ASP A 89 12.66 5.01 23.05
C ASP A 89 12.56 3.87 22.08
N GLN A 90 13.55 3.00 22.13
CA GLN A 90 13.56 1.78 21.35
C GLN A 90 12.29 1.02 21.60
N GLY A 91 11.60 0.61 20.54
CA GLY A 91 10.37 -0.18 20.71
C GLY A 91 9.08 0.57 20.97
N GLU A 92 9.17 1.88 21.26
CA GLU A 92 8.08 2.68 21.77
C GLU A 92 7.30 3.27 20.56
N THR A 93 5.97 3.29 20.64
CA THR A 93 5.16 3.93 19.60
C THR A 93 5.13 5.44 19.81
N GLU A 94 4.76 6.21 18.77
CA GLU A 94 4.64 7.67 18.94
C GLU A 94 3.65 8.08 20.06
N PRO A 95 2.37 7.55 20.08
CA PRO A 95 1.49 7.96 21.14
C PRO A 95 1.98 7.72 22.52
N VAL A 96 2.64 6.57 22.74
CA VAL A 96 3.10 6.24 24.04
C VAL A 96 4.27 7.14 24.44
N ALA A 97 5.11 7.46 23.46
CA ALA A 97 6.23 8.42 23.71
C ALA A 97 5.66 9.78 24.03
N ALA A 98 4.64 10.22 23.26
CA ALA A 98 4.07 11.50 23.47
C ALA A 98 3.52 11.60 24.86
N ALA A 99 2.77 10.58 25.32
CA ALA A 99 2.20 10.65 26.67
C ALA A 99 3.28 10.75 27.72
N ARG A 100 4.31 9.93 27.51
CA ARG A 100 5.43 9.94 28.45
C ARG A 100 6.09 11.31 28.53
N GLU A 101 6.49 11.84 27.37
CA GLU A 101 7.24 13.09 27.34
C GLU A 101 6.45 14.28 27.79
N ILE A 102 5.16 14.28 27.51
CA ILE A 102 4.31 15.31 28.05
C ILE A 102 4.40 15.31 29.57
N HIS A 103 4.26 14.14 30.17
CA HIS A 103 4.28 14.03 31.62
C HIS A 103 5.70 14.32 32.22
N GLU A 104 6.74 13.87 31.53
CA GLU A 104 8.11 14.21 31.92
C GLU A 104 8.32 15.72 32.00
N GLU A 105 7.90 16.43 30.93
CA GLU A 105 8.16 17.84 30.82
C GLU A 105 7.17 18.75 31.52
N THR A 106 5.90 18.37 31.65
CA THR A 106 4.93 19.26 32.21
C THR A 106 4.46 18.85 33.61
N GLY A 107 4.76 17.60 33.98
CA GLY A 107 4.27 17.11 35.23
C GLY A 107 2.81 16.70 35.14
N HIS A 108 2.20 16.69 33.95
CA HIS A 108 0.76 16.36 33.80
C HIS A 108 0.62 15.11 33.06
N THR A 109 -0.33 14.26 33.47
CA THR A 109 -0.74 13.21 32.61
C THR A 109 -1.75 13.78 31.61
N ALA A 110 -1.90 13.07 30.51
CA ALA A 110 -2.79 13.58 29.43
C ALA A 110 -3.47 12.44 28.69
N VAL A 111 -4.63 12.73 28.13
CA VAL A 111 -5.18 11.81 27.17
C VAL A 111 -5.05 12.40 25.77
N LEU A 112 -4.49 11.63 24.85
CA LEU A 112 -4.27 12.05 23.48
C LEU A 112 -5.63 11.98 22.74
N GLY A 113 -5.89 13.02 21.96
CA GLY A 113 -7.06 13.02 21.04
C GLY A 113 -6.62 13.03 19.59
N ARG A 114 -6.97 14.09 18.86
N ARG A 114 -6.97 14.10 18.88
CA ARG A 114 -6.70 14.18 17.45
CA ARG A 114 -6.68 14.27 17.49
C ARG A 114 -5.23 14.40 17.21
C ARG A 114 -5.19 14.43 17.22
N ARG A 115 -4.73 13.84 16.14
CA ARG A 115 -3.35 13.95 15.78
C ARG A 115 -3.24 15.22 14.92
N LEU A 116 -2.25 16.01 15.24
CA LEU A 116 -2.17 17.36 14.70
C LEU A 116 -1.45 17.45 13.41
N GLY A 117 -0.33 16.80 13.32
CA GLY A 117 0.41 16.51 12.13
C GLY A 117 1.84 16.10 12.45
N ARG A 118 2.61 15.92 11.42
CA ARG A 118 4.02 15.67 11.50
C ARG A 118 4.78 16.88 11.03
N VAL A 119 5.89 17.16 11.71
CA VAL A 119 6.78 18.25 11.34
C VAL A 119 8.16 17.76 11.31
N THR A 120 8.96 18.33 10.41
CA THR A 120 10.25 17.85 10.15
C THR A 120 11.17 19.04 10.01
N TYR A 121 12.29 19.04 10.73
CA TYR A 121 13.27 20.14 10.66
C TYR A 121 14.70 19.67 10.85
N PRO A 122 15.62 20.42 10.25
CA PRO A 122 17.04 20.12 10.44
C PRO A 122 17.51 20.39 11.87
N ILE A 123 18.41 19.53 12.28
CA ILE A 123 19.15 19.66 13.49
C ILE A 123 20.60 19.28 13.18
N PRO A 124 21.51 19.62 14.09
CA PRO A 124 22.92 19.31 13.80
C PRO A 124 23.18 17.85 13.33
N GLN A 125 22.60 16.89 14.00
CA GLN A 125 22.85 15.49 13.60
C GLN A 125 22.23 15.06 12.23
N GLY A 126 21.28 15.84 11.73
CA GLY A 126 20.48 15.31 10.67
C GLY A 126 19.15 15.99 10.65
N THR A 127 18.10 15.20 10.85
CA THR A 127 16.71 15.59 10.66
C THR A 127 15.85 15.13 11.84
N LYS A 128 15.00 16.02 12.35
CA LYS A 128 14.11 15.76 13.47
C LYS A 128 12.72 15.63 12.89
N ARG A 129 12.02 14.52 13.19
CA ARG A 129 10.67 14.27 12.75
C ARG A 129 9.83 14.09 13.97
N VAL A 130 8.83 14.93 14.16
CA VAL A 130 8.02 14.94 15.37
C VAL A 130 6.55 14.81 15.01
N TRP A 131 5.92 13.82 15.61
CA TRP A 131 4.44 13.72 15.52
C TRP A 131 3.80 14.41 16.73
N TYR A 132 2.79 15.26 16.51
CA TYR A 132 2.10 15.92 17.59
C TYR A 132 0.63 15.54 17.66
N TRP A 133 0.10 15.56 18.89
CA TRP A 133 -1.33 15.31 19.20
C TRP A 133 -1.84 16.46 20.01
N ALA A 134 -3.15 16.65 19.91
CA ALA A 134 -3.83 17.36 20.94
C ALA A 134 -3.94 16.44 22.13
N ALA A 135 -3.69 16.96 23.31
CA ALA A 135 -3.79 16.15 24.52
C ALA A 135 -4.37 16.95 25.69
N LYS A 136 -5.45 16.45 26.27
CA LYS A 136 -6.09 17.08 27.41
C LYS A 136 -5.44 16.63 28.72
N SER A 137 -5.17 17.59 29.60
CA SER A 137 -4.55 17.26 30.89
C SER A 137 -5.55 16.46 31.71
N THR A 138 -5.03 15.40 32.32
CA THR A 138 -5.82 14.48 33.15
C THR A 138 -5.42 14.62 34.61
N GLY A 139 -4.48 15.50 34.89
CA GLY A 139 -4.01 15.64 36.25
C GLY A 139 -2.56 16.03 36.25
N GLY A 140 -2.09 16.41 37.43
CA GLY A 140 -0.69 16.72 37.65
C GLY A 140 -0.46 18.20 37.76
N ASP A 141 0.82 18.56 37.85
CA ASP A 141 1.20 19.89 38.11
C ASP A 141 2.65 20.03 37.78
N PHE A 142 3.02 21.19 37.28
CA PHE A 142 4.40 21.36 36.85
C PHE A 142 5.34 21.52 38.02
N SER A 143 6.47 20.85 37.92
CA SER A 143 7.67 21.14 38.70
C SER A 143 8.91 21.10 37.78
N PRO A 144 9.84 22.07 37.98
CA PRO A 144 11.00 22.22 37.13
C PRO A 144 11.78 20.95 36.98
N ASN A 145 12.28 20.68 35.79
CA ASN A 145 13.13 19.53 35.61
C ASN A 145 14.43 19.94 34.95
N ASP A 146 15.18 18.92 34.58
CA ASP A 146 16.49 19.03 34.00
C ASP A 146 16.53 19.93 32.72
N GLU A 147 15.49 19.84 31.91
CA GLU A 147 15.38 20.49 30.59
C GLU A 147 14.49 21.71 30.72
N VAL A 148 13.43 21.62 31.52
CA VAL A 148 12.39 22.57 31.46
C VAL A 148 12.34 23.26 32.79
N ASP A 149 12.52 24.57 32.79
CA ASP A 149 12.54 25.32 34.06
C ASP A 149 11.27 26.06 34.35
N LYS A 150 10.43 26.29 33.31
CA LYS A 150 9.21 27.05 33.45
C LYS A 150 8.13 26.57 32.48
N LEU A 151 6.88 26.71 32.88
CA LEU A 151 5.77 26.31 32.05
C LEU A 151 4.78 27.40 32.24
N VAL A 152 4.12 27.86 31.17
CA VAL A 152 2.99 28.77 31.31
C VAL A 152 1.80 28.20 30.60
N TRP A 153 0.63 28.49 31.12
CA TRP A 153 -0.62 28.19 30.52
C TRP A 153 -1.20 29.46 29.87
N LEU A 154 -1.49 29.38 28.59
CA LEU A 154 -1.88 30.55 27.79
C LEU A 154 -3.07 30.25 26.94
N PRO A 155 -3.91 31.28 26.75
CA PRO A 155 -4.93 31.05 25.74
C PRO A 155 -4.24 30.93 24.40
N VAL A 156 -4.94 30.45 23.41
CA VAL A 156 -4.22 30.16 22.16
C VAL A 156 -3.52 31.33 21.43
N ASP A 157 -4.14 32.53 21.40
CA ASP A 157 -3.50 33.64 20.71
C ASP A 157 -2.24 34.04 21.40
N ALA A 158 -2.24 34.04 22.71
CA ALA A 158 -1.01 34.41 23.41
C ALA A 158 0.02 33.33 23.33
N ALA A 159 -0.45 32.11 23.35
CA ALA A 159 0.53 31.01 23.16
C ALA A 159 1.19 31.10 21.79
N MET A 160 0.42 31.45 20.77
CA MET A 160 1.04 31.55 19.43
C MET A 160 2.21 32.56 19.47
N ASP A 161 2.01 33.67 20.20
CA ASP A 161 3.06 34.68 20.39
C ASP A 161 4.21 34.16 21.20
N GLN A 162 3.93 33.38 22.23
CA GLN A 162 5.00 32.86 23.10
C GLN A 162 5.91 31.88 22.38
N LEU A 163 5.31 31.09 21.49
CA LEU A 163 6.08 30.18 20.67
C LEU A 163 7.07 30.96 19.78
N GLN A 164 8.06 30.31 19.29
CA GLN A 164 9.10 30.94 18.45
C GLN A 164 9.49 30.18 17.19
N TYR A 165 9.25 28.88 17.16
CA TYR A 165 9.57 28.09 16.01
C TYR A 165 8.42 27.94 15.08
N PRO A 166 8.70 28.01 13.77
CA PRO A 166 7.64 27.82 12.82
C PRO A 166 6.88 26.51 12.91
N ASP A 167 7.59 25.44 13.18
CA ASP A 167 6.87 24.12 13.30
C ASP A 167 5.91 24.08 14.49
N ASP A 168 6.31 24.59 15.66
CA ASP A 168 5.40 24.66 16.72
C ASP A 168 4.21 25.54 16.46
N ARG A 169 4.45 26.67 15.85
CA ARG A 169 3.33 27.53 15.48
C ARG A 169 2.29 26.86 14.53
N LYS A 170 2.83 26.08 13.57
CA LYS A 170 2.00 25.32 12.64
C LYS A 170 1.13 24.33 13.30
N VAL A 171 1.75 23.58 14.22
CA VAL A 171 1.03 22.62 15.03
C VAL A 171 -0.05 23.29 15.83
N LEU A 172 0.28 24.43 16.47
CA LEU A 172 -0.73 25.16 17.23
C LEU A 172 -1.92 25.66 16.35
N ARG A 173 -1.65 26.12 15.11
CA ARG A 173 -2.74 26.46 14.20
C ARG A 173 -3.63 25.24 13.87
N ARG A 174 -2.99 24.06 13.70
N ARG A 174 -3.00 24.06 13.71
CA ARG A 174 -3.70 22.81 13.48
CA ARG A 174 -3.75 22.79 13.51
C ARG A 174 -4.62 22.52 14.68
C ARG A 174 -4.64 22.54 14.69
N PHE A 175 -4.12 22.76 15.91
CA PHE A 175 -4.89 22.58 17.16
C PHE A 175 -6.20 23.38 17.15
N VAL A 176 -6.08 24.63 16.74
CA VAL A 176 -7.28 25.50 16.78
C VAL A 176 -8.28 25.24 15.67
N LYS A 177 -7.88 24.50 14.63
CA LYS A 177 -8.72 24.41 13.41
C LYS A 177 -9.94 23.54 13.62
N ARG A 178 -9.89 22.66 14.59
CA ARG A 178 -11.03 21.79 14.93
C ARG A 178 -11.23 21.75 16.42
N PRO A 179 -12.36 21.19 16.89
CA PRO A 179 -12.70 21.04 18.31
C PRO A 179 -11.68 20.08 18.89
N VAL A 180 -11.32 20.33 20.13
CA VAL A 180 -10.33 19.49 20.82
C VAL A 180 -10.93 18.72 21.93
N ASP A 181 -12.15 19.08 22.33
CA ASP A 181 -12.82 18.28 23.35
C ASP A 181 -13.52 17.12 22.70
N THR A 182 -12.72 16.14 22.32
CA THR A 182 -13.17 15.08 21.44
C THR A 182 -13.31 13.78 22.24
N LYS A 183 -14.17 12.94 21.72
CA LYS A 183 -14.33 11.58 22.07
C LYS A 183 -13.63 10.74 21.01
N THR A 184 -13.26 9.52 21.34
CA THR A 184 -12.39 8.79 20.48
C THR A 184 -12.84 7.34 20.27
N VAL A 185 -12.94 6.91 19.01
CA VAL A 185 -13.27 5.58 18.64
C VAL A 185 -12.05 4.97 18.02
N LEU A 186 -11.64 3.84 18.54
CA LEU A 186 -10.36 3.26 18.20
C LEU A 186 -10.66 2.00 17.40
N VAL A 187 -10.42 2.03 16.13
CA VAL A 187 -10.70 0.90 15.28
C VAL A 187 -9.39 0.14 14.99
N VAL A 188 -9.30 -1.06 15.48
CA VAL A 188 -8.05 -1.86 15.48
C VAL A 188 -8.21 -3.08 14.58
N ARG A 189 -7.27 -3.30 13.67
CA ARG A 189 -7.29 -4.52 12.98
C ARG A 189 -6.63 -5.56 13.82
N HIS A 190 -7.23 -6.73 13.95
CA HIS A 190 -6.59 -7.76 14.76
C HIS A 190 -5.10 -8.01 14.42
N GLY A 191 -4.39 -8.57 15.38
CA GLY A 191 -2.99 -8.90 15.21
C GLY A 191 -2.73 -10.10 14.29
N THR A 192 -1.46 -10.35 14.07
CA THR A 192 -1.06 -11.45 13.21
C THR A 192 -1.48 -12.79 13.77
N ALA A 193 -2.00 -13.61 12.85
CA ALA A 193 -2.65 -14.83 13.23
C ALA A 193 -2.37 -15.96 12.19
N GLY A 194 -1.17 -15.95 11.62
CA GLY A 194 -0.79 -16.92 10.55
C GLY A 194 -1.62 -16.82 9.28
N ARG A 195 -1.84 -17.94 8.59
CA ARG A 195 -2.65 -17.97 7.35
C ARG A 195 -3.91 -18.86 7.47
N ARG A 196 -4.99 -18.49 6.76
CA ARG A 196 -6.27 -19.26 6.81
C ARG A 196 -6.12 -20.72 6.36
N SER A 197 -5.17 -20.97 5.44
CA SER A 197 -4.80 -22.33 5.00
C SER A 197 -4.08 -23.17 6.07
N ARG A 198 -3.03 -22.59 6.67
CA ARG A 198 -2.16 -23.23 7.71
C ARG A 198 -2.87 -23.77 8.96
N TYR A 199 -3.96 -23.10 9.33
CA TYR A 199 -4.81 -23.55 10.40
C TYR A 199 -6.09 -23.99 9.73
N LYS A 200 -6.25 -25.29 9.58
CA LYS A 200 -7.59 -25.80 9.38
C LYS A 200 -8.17 -26.06 10.78
N GLY A 201 -9.46 -26.34 10.79
CA GLY A 201 -10.29 -26.06 11.95
C GLY A 201 -11.06 -24.80 11.60
N ASP A 202 -12.23 -24.66 12.22
CA ASP A 202 -13.13 -23.53 12.00
C ASP A 202 -12.30 -22.24 12.02
N ASP A 203 -12.10 -21.59 10.87
CA ASP A 203 -11.23 -20.39 10.81
C ASP A 203 -11.65 -19.29 11.78
N ARG A 204 -12.93 -19.26 12.17
CA ARG A 204 -13.40 -18.38 13.18
C ARG A 204 -12.47 -18.45 14.44
N LYS A 205 -11.83 -19.60 14.66
CA LYS A 205 -11.12 -19.91 15.87
C LYS A 205 -9.62 -19.66 15.75
N ARG A 206 -9.12 -19.42 14.55
CA ARG A 206 -7.72 -19.24 14.32
C ARG A 206 -7.16 -18.19 15.32
N PRO A 207 -6.10 -18.56 16.06
CA PRO A 207 -5.57 -17.70 17.12
C PRO A 207 -4.51 -16.78 16.63
N LEU A 208 -4.23 -15.76 17.46
CA LEU A 208 -3.08 -14.93 17.28
C LEU A 208 -1.85 -15.84 17.36
N ASP A 209 -0.82 -15.50 16.60
CA ASP A 209 0.45 -16.18 16.70
C ASP A 209 1.33 -15.46 17.74
N LYS A 210 2.54 -15.94 17.91
CA LYS A 210 3.43 -15.32 18.90
C LYS A 210 3.53 -13.76 18.69
N ARG A 211 3.84 -13.34 17.46
CA ARG A 211 3.89 -11.91 17.12
C ARG A 211 2.59 -11.18 17.48
N GLY A 212 1.46 -11.80 17.15
CA GLY A 212 0.12 -11.21 17.32
C GLY A 212 -0.16 -11.00 18.79
N ARG A 213 0.22 -11.98 19.61
CA ARG A 213 0.09 -11.85 21.05
C ARG A 213 0.97 -10.71 21.58
N ALA A 214 2.14 -10.54 21.01
CA ALA A 214 3.07 -9.46 21.45
C ALA A 214 2.46 -8.08 21.01
N GLN A 215 1.83 -8.07 19.84
CA GLN A 215 1.11 -6.91 19.34
C GLN A 215 -0.03 -6.56 20.32
N ALA A 216 -0.80 -7.56 20.72
CA ALA A 216 -1.86 -7.36 21.66
C ALA A 216 -1.38 -6.75 22.97
N GLU A 217 -0.26 -7.25 23.48
CA GLU A 217 0.29 -6.72 24.71
C GLU A 217 0.72 -5.26 24.49
N ALA A 218 1.36 -4.97 23.35
CA ALA A 218 1.83 -3.61 23.05
C ALA A 218 0.72 -2.61 22.81
N LEU A 219 -0.44 -3.11 22.39
CA LEU A 219 -1.60 -2.27 22.18
C LEU A 219 -2.18 -1.76 23.47
N VAL A 220 -1.85 -2.41 24.60
CA VAL A 220 -2.39 -1.89 25.88
C VAL A 220 -1.96 -0.43 26.09
N ALA A 221 -0.66 -0.17 26.08
CA ALA A 221 -0.20 1.23 26.34
C ALA A 221 -0.63 2.16 25.23
N GLN A 222 -0.62 1.67 23.99
N GLN A 222 -0.66 1.69 24.00
CA GLN A 222 -1.08 2.45 22.81
CA GLN A 222 -1.06 2.57 22.92
C GLN A 222 -2.49 2.97 22.98
C GLN A 222 -2.51 3.01 23.01
N LEU A 223 -3.41 2.07 23.32
CA LEU A 223 -4.81 2.37 23.38
C LEU A 223 -5.20 3.11 24.66
N MET A 224 -4.50 2.81 25.74
CA MET A 224 -4.65 3.57 26.95
C MET A 224 -4.20 5.03 26.78
N ALA A 225 -3.28 5.31 25.88
CA ALA A 225 -2.81 6.69 25.65
C ALA A 225 -3.99 7.57 25.15
N PHE A 226 -4.95 6.94 24.48
CA PHE A 226 -6.14 7.60 23.97
C PHE A 226 -7.37 7.48 24.90
N GLY A 227 -7.19 6.93 26.07
CA GLY A 227 -8.26 6.88 27.09
C GLY A 227 -9.33 5.85 26.72
N ALA A 228 -8.96 4.76 26.04
CA ALA A 228 -9.87 3.65 25.85
C ALA A 228 -10.66 3.29 27.11
N THR A 229 -11.96 3.07 26.98
CA THR A 229 -12.74 2.64 28.12
C THR A 229 -13.62 1.43 27.89
N THR A 230 -14.03 1.11 26.67
CA THR A 230 -15.04 0.09 26.41
C THR A 230 -14.54 -0.69 25.19
N LEU A 231 -14.81 -1.98 25.14
CA LEU A 231 -14.23 -2.88 24.20
C LEU A 231 -15.27 -3.65 23.42
N TYR A 232 -15.04 -3.74 22.12
CA TYR A 232 -15.91 -4.45 21.23
C TYR A 232 -15.02 -5.20 20.23
N ALA A 233 -15.44 -6.38 19.81
CA ALA A 233 -14.67 -7.12 18.83
C ALA A 233 -15.60 -7.88 17.94
N ALA A 234 -15.20 -7.98 16.69
CA ALA A 234 -15.84 -8.88 15.75
C ALA A 234 -15.80 -10.36 16.27
N ASP A 235 -16.77 -11.14 15.81
CA ASP A 235 -16.98 -12.53 16.30
C ASP A 235 -15.94 -13.52 15.71
N ARG A 236 -14.67 -13.23 15.98
CA ARG A 236 -13.58 -14.05 15.59
C ARG A 236 -12.65 -14.08 16.76
N VAL A 237 -12.10 -15.27 17.08
CA VAL A 237 -11.25 -15.41 18.24
C VAL A 237 -10.08 -14.39 18.16
N ARG A 238 -9.47 -14.27 16.98
CA ARG A 238 -8.28 -13.41 16.83
C ARG A 238 -8.54 -11.90 17.16
N CYS A 239 -9.75 -11.45 16.89
CA CYS A 239 -10.22 -10.12 17.18
C CYS A 239 -10.39 -9.92 18.67
N HIS A 240 -11.02 -10.85 19.39
CA HIS A 240 -11.04 -10.78 20.83
C HIS A 240 -9.65 -10.82 21.45
N GLN A 241 -8.79 -11.74 20.96
CA GLN A 241 -7.52 -11.96 21.62
C GLN A 241 -6.63 -10.74 21.48
N THR A 242 -6.83 -10.02 20.39
CA THR A 242 -6.10 -8.75 20.19
C THR A 242 -6.34 -7.77 21.35
N ILE A 243 -7.56 -7.71 21.88
CA ILE A 243 -7.89 -6.78 22.92
C ILE A 243 -8.11 -7.39 24.30
N GLU A 244 -7.79 -8.67 24.44
CA GLU A 244 -7.86 -9.33 25.76
C GLU A 244 -6.86 -8.69 26.75
N PRO A 245 -5.64 -8.38 26.34
CA PRO A 245 -4.79 -7.78 27.37
C PRO A 245 -5.32 -6.44 27.85
N LEU A 246 -5.85 -5.65 26.92
CA LEU A 246 -6.45 -4.38 27.29
C LEU A 246 -7.70 -4.62 28.16
N ALA A 247 -8.46 -5.65 27.83
CA ALA A 247 -9.64 -5.97 28.69
C ALA A 247 -9.25 -6.24 30.14
N GLN A 248 -8.17 -7.00 30.31
CA GLN A 248 -7.77 -7.33 31.65
C GLN A 248 -7.29 -6.02 32.36
N GLU A 249 -6.59 -5.13 31.64
CA GLU A 249 -6.02 -3.93 32.20
C GLU A 249 -7.11 -3.01 32.68
N LEU A 250 -8.16 -2.93 31.90
CA LEU A 250 -9.31 -2.09 32.17
C LEU A 250 -10.31 -2.78 33.07
N ASP A 251 -10.12 -4.08 33.30
CA ASP A 251 -11.14 -4.95 33.91
C ASP A 251 -12.51 -4.75 33.25
N GLN A 252 -12.56 -4.99 31.96
CA GLN A 252 -13.76 -4.80 31.15
C GLN A 252 -14.00 -6.06 30.36
N LEU A 253 -15.28 -6.31 30.06
CA LEU A 253 -15.67 -7.38 29.21
C LEU A 253 -15.59 -6.88 27.78
N ILE A 254 -15.40 -7.80 26.86
CA ILE A 254 -15.42 -7.45 25.44
C ILE A 254 -16.77 -7.82 24.81
N HIS A 255 -17.48 -6.82 24.27
CA HIS A 255 -18.76 -7.01 23.55
C HIS A 255 -18.54 -7.62 22.22
N ASN A 256 -19.25 -8.69 21.93
CA ASN A 256 -19.02 -9.43 20.69
C ASN A 256 -19.91 -8.85 19.61
N GLU A 257 -19.40 -8.76 18.38
CA GLU A 257 -20.03 -8.01 17.33
C GLU A 257 -20.06 -8.83 16.05
N PRO A 258 -21.04 -9.77 15.94
CA PRO A 258 -21.19 -10.56 14.70
C PRO A 258 -21.46 -9.74 13.45
N LEU A 259 -22.00 -8.55 13.57
CA LEU A 259 -22.20 -7.71 12.38
C LEU A 259 -20.94 -7.09 11.82
N LEU A 260 -19.83 -7.19 12.56
CA LEU A 260 -18.56 -6.60 12.08
C LEU A 260 -17.52 -7.54 11.65
N THR A 261 -17.90 -8.76 11.30
CA THR A 261 -16.98 -9.70 10.70
C THR A 261 -16.94 -9.43 9.17
N GLU A 262 -15.96 -9.99 8.49
CA GLU A 262 -15.84 -9.79 7.04
C GLU A 262 -17.04 -10.40 6.33
N GLU A 263 -17.39 -11.60 6.76
CA GLU A 263 -18.54 -12.26 6.12
C GLU A 263 -19.79 -11.41 6.29
N ALA A 264 -19.97 -10.76 7.43
CA ALA A 264 -21.20 -10.04 7.69
C ALA A 264 -21.20 -8.73 6.98
N TYR A 265 -20.02 -8.12 6.92
CA TYR A 265 -19.86 -6.86 6.17
C TYR A 265 -20.17 -7.09 4.68
N ALA A 266 -19.68 -8.20 4.15
CA ALA A 266 -19.91 -8.51 2.71
C ALA A 266 -21.41 -8.68 2.42
N ALA A 267 -22.15 -9.28 3.34
CA ALA A 267 -23.57 -9.55 3.15
C ALA A 267 -24.38 -8.31 3.37
N ASP A 268 -23.98 -7.51 4.34
CA ASP A 268 -24.77 -6.35 4.69
C ASP A 268 -23.92 -5.22 5.27
N HIS A 269 -23.27 -4.48 4.39
CA HIS A 269 -22.31 -3.46 4.82
C HIS A 269 -23.05 -2.34 5.53
N LYS A 270 -24.33 -2.12 5.18
CA LYS A 270 -25.12 -1.07 5.80
C LYS A 270 -25.40 -1.33 7.27
N ALA A 271 -25.67 -2.57 7.64
CA ALA A 271 -25.86 -2.92 9.03
C ALA A 271 -24.53 -2.66 9.81
N ALA A 272 -23.41 -2.93 9.15
CA ALA A 272 -22.09 -2.68 9.81
C ALA A 272 -21.92 -1.19 10.06
N ARG A 273 -22.23 -0.32 9.07
CA ARG A 273 -22.13 1.11 9.25
C ARG A 273 -22.98 1.60 10.41
N LYS A 274 -24.22 1.13 10.46
CA LYS A 274 -25.14 1.53 11.48
C LYS A 274 -24.65 1.08 12.84
N ARG A 275 -24.11 -0.11 12.92
CA ARG A 275 -23.62 -0.63 14.21
C ARG A 275 -22.36 0.15 14.67
N LEU A 276 -21.52 0.53 13.71
CA LEU A 276 -20.38 1.37 14.08
C LEU A 276 -20.88 2.66 14.69
N LEU A 277 -21.86 3.30 14.06
CA LEU A 277 -22.31 4.55 14.61
C LEU A 277 -23.00 4.36 15.97
N GLU A 278 -23.68 3.24 16.14
CA GLU A 278 -24.33 2.90 17.43
C GLU A 278 -23.29 2.83 18.53
N ILE A 279 -22.24 2.10 18.23
CA ILE A 279 -21.13 1.98 19.18
C ILE A 279 -20.50 3.34 19.46
N ALA A 280 -20.22 4.13 18.42
CA ALA A 280 -19.62 5.42 18.60
C ALA A 280 -20.47 6.37 19.44
N GLY A 281 -21.79 6.16 19.38
CA GLY A 281 -22.77 6.97 20.11
C GLY A 281 -22.85 6.72 21.61
N ARG A 282 -22.40 5.57 22.05
CA ARG A 282 -22.37 5.29 23.45
C ARG A 282 -21.31 6.06 24.22
N PRO A 283 -21.56 6.30 25.50
CA PRO A 283 -20.57 7.05 26.30
C PRO A 283 -19.28 6.26 26.41
N GLY A 284 -18.15 6.94 26.48
CA GLY A 284 -16.88 6.28 26.55
C GLY A 284 -16.08 6.37 25.26
N ASN A 285 -14.87 5.82 25.30
CA ASN A 285 -14.01 5.76 24.13
C ASN A 285 -13.89 4.32 23.79
N PRO A 286 -14.60 3.86 22.76
CA PRO A 286 -14.61 2.43 22.46
C PRO A 286 -13.53 1.98 21.56
N VAL A 287 -13.00 0.82 21.85
CA VAL A 287 -12.10 0.10 20.95
C VAL A 287 -12.93 -0.87 20.19
N ILE A 288 -12.77 -0.92 18.86
CA ILE A 288 -13.50 -1.92 18.07
C ILE A 288 -12.50 -2.68 17.25
N CYS A 289 -12.28 -3.95 17.60
CA CYS A 289 -11.33 -4.80 16.90
C CYS A 289 -12.07 -5.65 15.86
N THR A 290 -11.67 -5.50 14.64
CA THR A 290 -12.31 -6.11 13.49
C THR A 290 -11.24 -6.47 12.48
N GLN A 291 -11.69 -6.74 11.24
CA GLN A 291 -10.89 -7.37 10.22
C GLN A 291 -10.55 -6.51 9.02
N GLY A 292 -9.56 -6.98 8.30
CA GLY A 292 -8.96 -6.25 7.18
C GLY A 292 -9.91 -5.86 6.08
N LYS A 293 -10.89 -6.70 5.78
CA LYS A 293 -11.82 -6.33 4.69
C LYS A 293 -13.00 -5.45 5.09
N VAL A 294 -13.03 -5.09 6.37
CA VAL A 294 -14.11 -4.35 6.94
C VAL A 294 -13.71 -2.93 7.19
N ILE A 295 -12.45 -2.73 7.62
CA ILE A 295 -12.02 -1.44 8.11
C ILE A 295 -11.92 -0.41 7.02
N PRO A 296 -11.23 -0.74 5.90
CA PRO A 296 -11.10 0.32 4.89
C PRO A 296 -12.47 0.85 4.44
N GLY A 297 -13.44 -0.05 4.25
CA GLY A 297 -14.80 0.25 3.77
C GLY A 297 -15.51 1.16 4.76
N LEU A 298 -15.38 0.86 6.03
CA LEU A 298 -16.02 1.72 7.05
C LEU A 298 -15.33 3.08 7.20
N ILE A 299 -14.04 3.10 7.26
CA ILE A 299 -13.35 4.33 7.37
C ILE A 299 -13.54 5.26 6.20
N GLU A 300 -13.40 4.73 5.01
CA GLU A 300 -13.58 5.51 3.79
C GLU A 300 -14.94 6.16 3.68
N TRP A 301 -15.98 5.37 3.91
CA TRP A 301 -17.32 5.87 4.00
C TRP A 301 -17.47 7.04 4.99
N TRP A 302 -17.03 6.84 6.22
CA TRP A 302 -17.29 7.83 7.21
C TRP A 302 -16.48 9.06 6.85
N CYS A 303 -15.20 8.90 6.44
CA CYS A 303 -14.40 10.10 6.16
C CYS A 303 -15.00 10.96 4.99
N GLU A 304 -15.48 10.26 3.97
CA GLU A 304 -16.08 10.93 2.80
C GLU A 304 -17.33 11.75 3.23
N ARG A 305 -18.14 11.19 4.08
CA ARG A 305 -19.37 11.89 4.55
C ARG A 305 -19.12 13.07 5.49
N ALA A 306 -18.08 12.92 6.29
CA ALA A 306 -17.69 13.94 7.24
C ALA A 306 -16.66 14.94 6.64
N LYS A 307 -16.23 14.69 5.42
CA LYS A 307 -15.19 15.46 4.71
C LYS A 307 -13.94 15.58 5.60
N VAL A 308 -13.49 14.41 6.06
CA VAL A 308 -12.27 14.33 6.91
C VAL A 308 -11.21 13.65 6.03
N ARG A 309 -10.00 14.24 6.05
CA ARG A 309 -8.90 13.79 5.22
C ARG A 309 -7.82 13.22 6.16
N PRO A 310 -7.53 11.95 6.01
CA PRO A 310 -6.55 11.33 6.91
C PRO A 310 -5.12 11.76 6.51
N GLU A 311 -4.24 12.08 7.41
CA GLU A 311 -2.87 12.45 6.98
C GLU A 311 -2.05 11.21 6.54
N THR A 312 -2.37 10.05 7.11
CA THR A 312 -1.76 8.82 6.77
C THR A 312 -2.79 7.76 6.52
N THR A 313 -2.37 6.64 5.93
CA THR A 313 -3.31 5.59 5.67
C THR A 313 -2.59 4.28 5.63
N GLY A 314 -3.37 3.23 5.78
CA GLY A 314 -2.87 1.84 5.70
C GLY A 314 -3.89 0.89 6.27
N ASN A 315 -3.50 -0.38 6.43
CA ASN A 315 -4.49 -1.36 6.89
C ASN A 315 -3.85 -2.61 7.52
N ARG A 316 -2.68 -2.46 8.11
CA ARG A 316 -1.93 -3.61 8.60
C ARG A 316 -2.53 -4.23 9.85
N LYS A 317 -2.22 -5.51 10.02
CA LYS A 317 -2.63 -6.20 11.22
C LYS A 317 -2.04 -5.52 12.46
N GLY A 318 -2.87 -5.30 13.51
CA GLY A 318 -2.42 -4.59 14.62
C GLY A 318 -2.43 -3.06 14.52
N SER A 319 -2.82 -2.53 13.39
CA SER A 319 -2.94 -1.06 13.20
C SER A 319 -4.20 -0.52 13.84
N THR A 320 -4.20 0.77 14.07
CA THR A 320 -5.29 1.49 14.74
C THR A 320 -5.64 2.75 13.98
N TRP A 321 -6.95 2.92 13.67
CA TRP A 321 -7.50 4.18 13.27
C TRP A 321 -8.07 4.87 14.47
N VAL A 322 -7.57 6.07 14.75
CA VAL A 322 -8.04 6.91 15.82
C VAL A 322 -9.08 7.84 15.20
N LEU A 323 -10.34 7.58 15.53
CA LEU A 323 -11.41 8.48 15.05
C LEU A 323 -11.86 9.44 16.11
N SER A 324 -11.71 10.73 15.84
CA SER A 324 -12.01 11.73 16.82
C SER A 324 -13.39 12.36 16.47
N LEU A 325 -14.27 12.42 17.46
CA LEU A 325 -15.62 12.96 17.35
C LEU A 325 -15.83 14.15 18.26
N SER A 326 -16.55 15.15 17.75
CA SER A 326 -16.98 16.27 18.57
C SER A 326 -18.52 16.35 18.48
N ASP A 327 -19.22 16.16 19.61
CA ASP A 327 -20.69 16.17 19.61
C ASP A 327 -21.18 15.18 18.61
N GLY A 328 -20.54 14.02 18.53
CA GLY A 328 -20.96 12.98 17.61
C GLY A 328 -20.52 13.07 16.17
N GLU A 329 -19.89 14.15 15.81
CA GLU A 329 -19.46 14.33 14.45
C GLU A 329 -17.98 13.97 14.31
N LEU A 330 -17.64 13.29 13.25
CA LEU A 330 -16.24 12.90 12.98
C LEU A 330 -15.47 14.13 12.57
N VAL A 331 -14.31 14.37 13.23
CA VAL A 331 -13.44 15.49 12.91
C VAL A 331 -11.95 15.10 12.70
N GLY A 332 -11.60 13.82 12.82
CA GLY A 332 -10.23 13.40 12.54
C GLY A 332 -10.17 11.94 12.39
N ALA A 333 -9.30 11.47 11.52
CA ALA A 333 -9.13 10.05 11.36
C ALA A 333 -7.67 9.77 11.17
N ASP A 334 -7.05 9.15 12.18
CA ASP A 334 -5.56 9.11 12.24
C ASP A 334 -5.13 7.66 12.25
N TYR A 335 -4.46 7.22 11.19
CA TYR A 335 -3.99 5.86 11.11
C TYR A 335 -2.68 5.70 11.82
N LEU A 336 -2.62 4.69 12.72
CA LEU A 336 -1.42 4.39 13.45
C LEU A 336 -0.92 3.05 12.99
N SER A 337 0.39 2.97 12.79
N SER A 337 0.34 2.98 12.59
CA SER A 337 1.05 1.70 12.47
CA SER A 337 0.96 1.67 12.25
C SER A 337 0.84 0.65 13.54
C SER A 337 0.86 0.69 13.44
N PRO A 338 0.99 -0.63 13.15
CA PRO A 338 1.11 -1.62 14.20
C PRO A 338 2.26 -1.27 15.16
N PRO A 339 2.12 -1.66 16.45
CA PRO A 339 2.99 -1.19 17.46
C PRO A 339 4.44 -1.72 17.30
N ASP A 340 4.65 -2.74 16.45
CA ASP A 340 5.96 -3.34 16.26
C ASP A 340 6.44 -3.06 14.87
N GLU A 341 5.81 -2.07 14.18
CA GLU A 341 6.28 -1.60 12.88
C GLU A 341 6.54 -0.08 12.89
N LYS A 342 7.36 0.38 11.96
CA LYS A 342 7.86 1.77 11.98
C LYS A 342 6.72 2.84 11.93
N HIS B 42 22.42 7.30 -5.82
CA HIS B 42 21.49 7.30 -6.98
C HIS B 42 21.24 5.85 -7.39
N THR B 43 19.94 5.56 -7.55
CA THR B 43 19.44 4.29 -8.08
C THR B 43 19.24 4.42 -9.58
N VAL B 44 19.85 3.52 -10.32
CA VAL B 44 19.73 3.50 -11.77
C VAL B 44 18.76 2.38 -12.12
N ARG B 45 17.69 2.72 -12.80
CA ARG B 45 16.62 1.76 -13.10
C ARG B 45 16.79 1.22 -14.52
N ALA B 46 16.81 -0.11 -14.64
CA ALA B 46 16.98 -0.81 -15.90
C ALA B 46 15.94 -1.95 -16.05
N ALA B 47 15.86 -2.53 -17.24
CA ALA B 47 14.98 -3.69 -17.47
C ALA B 47 15.56 -4.50 -18.61
N GLY B 48 15.34 -5.79 -18.58
CA GLY B 48 15.74 -6.67 -19.65
C GLY B 48 15.00 -7.99 -19.54
N ALA B 49 15.59 -8.97 -20.19
CA ALA B 49 14.94 -10.28 -20.37
C ALA B 49 15.95 -11.42 -20.56
N VAL B 50 15.44 -12.61 -20.21
CA VAL B 50 15.87 -13.81 -20.83
C VAL B 50 15.05 -13.96 -22.11
N LEU B 51 15.74 -13.74 -23.21
CA LEU B 51 15.16 -13.93 -24.56
C LEU B 51 15.29 -15.39 -24.98
N TRP B 52 14.21 -16.02 -25.39
CA TRP B 52 14.29 -17.37 -25.70
C TRP B 52 13.59 -17.67 -27.04
N ARG B 53 13.83 -18.89 -27.55
CA ARG B 53 13.15 -19.45 -28.70
C ARG B 53 13.18 -20.98 -28.60
N ASP B 54 12.35 -21.62 -29.42
CA ASP B 54 12.31 -23.09 -29.50
C ASP B 54 13.66 -23.67 -29.92
N ALA B 55 14.08 -24.72 -29.21
CA ALA B 55 15.10 -25.67 -29.68
C ALA B 55 14.62 -26.40 -30.95
N THR B 62 10.81 -34.86 -22.91
CA THR B 62 10.66 -34.03 -21.72
C THR B 62 10.17 -32.59 -22.02
N GLY B 63 9.49 -31.97 -21.05
CA GLY B 63 8.99 -30.59 -21.21
C GLY B 63 10.04 -29.53 -20.87
N HIS B 64 9.54 -28.38 -20.43
CA HIS B 64 10.35 -27.21 -20.06
C HIS B 64 11.48 -27.53 -19.03
N PRO B 65 12.75 -27.07 -19.30
CA PRO B 65 13.19 -26.20 -20.39
C PRO B 65 14.04 -26.85 -21.50
N ALA B 66 14.02 -28.18 -21.68
CA ALA B 66 14.67 -28.83 -22.87
C ALA B 66 14.03 -28.31 -24.18
N THR B 67 12.78 -27.93 -24.06
CA THR B 67 12.01 -27.23 -25.10
C THR B 67 12.71 -25.97 -25.73
N VAL B 68 13.76 -25.36 -25.11
CA VAL B 68 14.23 -23.98 -25.49
C VAL B 68 15.70 -23.64 -25.47
N GLU B 69 16.08 -22.57 -26.18
CA GLU B 69 17.36 -21.89 -26.11
C GLU B 69 17.22 -20.40 -25.68
N VAL B 70 18.29 -19.86 -25.12
CA VAL B 70 18.30 -18.52 -24.63
C VAL B 70 19.48 -17.76 -25.16
N ALA B 71 19.30 -16.45 -25.25
CA ALA B 71 20.39 -15.59 -25.71
C ALA B 71 21.25 -15.07 -24.63
N VAL B 72 22.55 -15.15 -24.91
CA VAL B 72 23.53 -14.54 -24.06
C VAL B 72 24.39 -13.65 -24.91
N ILE B 73 24.63 -12.47 -24.39
CA ILE B 73 25.44 -11.45 -25.04
C ILE B 73 26.79 -11.11 -24.44
N HIS B 74 27.70 -10.75 -25.34
CA HIS B 74 29.02 -10.27 -25.01
C HIS B 74 29.29 -8.79 -25.25
N ARG B 75 29.90 -8.13 -24.27
CA ARG B 75 30.17 -6.70 -24.33
C ARG B 75 31.67 -6.50 -24.15
N PRO B 76 32.33 -5.84 -25.11
CA PRO B 76 33.79 -5.58 -25.00
C PRO B 76 34.19 -4.65 -23.88
N ARG B 77 33.29 -3.75 -23.49
CA ARG B 77 33.63 -2.75 -22.44
C ARG B 77 34.13 -3.42 -21.17
N TYR B 78 33.45 -4.49 -20.77
CA TYR B 78 33.82 -5.21 -19.58
C TYR B 78 34.32 -6.59 -19.90
N ASP B 79 34.37 -6.94 -21.19
CA ASP B 79 34.66 -8.29 -21.60
C ASP B 79 33.79 -9.32 -20.84
N ASP B 80 32.47 -9.12 -20.88
CA ASP B 80 31.59 -9.97 -20.06
C ASP B 80 30.54 -10.60 -20.89
N TRP B 81 29.90 -11.62 -20.34
CA TRP B 81 28.72 -12.24 -20.93
C TRP B 81 27.57 -12.00 -19.95
N SER B 82 26.39 -11.62 -20.47
CA SER B 82 25.31 -11.20 -19.58
C SER B 82 23.98 -11.28 -20.36
N LEU B 83 22.95 -10.62 -19.85
CA LEU B 83 21.62 -10.73 -20.44
C LEU B 83 21.29 -9.36 -21.00
N PRO B 84 20.53 -9.35 -22.10
CA PRO B 84 20.14 -8.08 -22.77
C PRO B 84 19.33 -7.29 -21.79
N LYS B 85 19.69 -6.02 -21.65
CA LYS B 85 18.99 -5.10 -20.77
C LYS B 85 19.55 -3.70 -20.95
N GLY B 86 18.77 -2.76 -20.44
CA GLY B 86 19.20 -1.35 -20.45
C GLY B 86 18.35 -0.42 -19.63
N LYS B 87 18.87 0.75 -19.49
CA LYS B 87 18.30 1.80 -18.68
C LYS B 87 17.02 2.33 -19.22
N LEU B 88 16.06 2.56 -18.35
CA LEU B 88 14.80 3.16 -18.72
C LEU B 88 15.03 4.62 -19.15
N ASP B 89 14.38 5.02 -20.23
CA ASP B 89 14.34 6.43 -20.60
C ASP B 89 13.37 7.11 -19.67
N GLN B 90 13.49 8.44 -19.62
CA GLN B 90 12.56 9.24 -18.85
C GLN B 90 11.18 8.94 -19.39
N GLY B 91 10.27 8.76 -18.45
CA GLY B 91 8.87 8.42 -18.76
C GLY B 91 8.57 7.00 -19.23
N GLU B 92 9.58 6.17 -19.45
CA GLU B 92 9.41 4.84 -20.04
C GLU B 92 9.07 3.83 -18.95
N THR B 93 8.21 2.88 -19.23
CA THR B 93 7.93 1.85 -18.24
C THR B 93 8.95 0.70 -18.38
N GLU B 94 9.10 -0.11 -17.33
CA GLU B 94 10.01 -1.29 -17.42
C GLU B 94 9.78 -2.20 -18.58
N PRO B 95 8.53 -2.64 -18.84
CA PRO B 95 8.31 -3.58 -19.95
C PRO B 95 8.68 -3.02 -21.29
N VAL B 96 8.32 -1.77 -21.53
CA VAL B 96 8.68 -1.10 -22.78
C VAL B 96 10.17 -0.95 -22.99
N ALA B 97 10.85 -0.59 -21.93
CA ALA B 97 12.32 -0.53 -21.94
C ALA B 97 12.93 -1.88 -22.18
N ALA B 98 12.38 -2.91 -21.53
CA ALA B 98 12.92 -4.26 -21.71
C ALA B 98 12.77 -4.70 -23.20
N ALA B 99 11.58 -4.50 -23.78
CA ALA B 99 11.33 -4.82 -25.19
C ALA B 99 12.29 -4.05 -26.13
N ARG B 100 12.50 -2.81 -25.84
CA ARG B 100 13.35 -1.95 -26.62
C ARG B 100 14.78 -2.40 -26.52
N GLU B 101 15.29 -2.60 -25.29
CA GLU B 101 16.71 -2.95 -25.15
C GLU B 101 17.03 -4.36 -25.63
N ILE B 102 16.04 -5.28 -25.56
CA ILE B 102 16.27 -6.62 -26.11
C ILE B 102 16.47 -6.51 -27.60
N HIS B 103 15.61 -5.74 -28.24
CA HIS B 103 15.68 -5.59 -29.67
C HIS B 103 16.93 -4.79 -30.07
N GLU B 104 17.32 -3.79 -29.31
CA GLU B 104 18.56 -3.03 -29.59
C GLU B 104 19.81 -3.92 -29.54
N GLU B 105 19.89 -4.77 -28.53
CA GLU B 105 21.08 -5.58 -28.30
C GLU B 105 21.13 -6.91 -29.04
N THR B 106 19.98 -7.51 -29.30
CA THR B 106 19.91 -8.85 -29.87
C THR B 106 19.45 -8.82 -31.31
N GLY B 107 18.80 -7.72 -31.73
CA GLY B 107 18.18 -7.70 -33.04
C GLY B 107 16.84 -8.38 -33.17
N HIS B 108 16.35 -8.95 -32.07
CA HIS B 108 15.02 -9.61 -32.10
C HIS B 108 13.96 -8.80 -31.45
N THR B 109 12.78 -8.77 -32.04
CA THR B 109 11.58 -8.34 -31.36
C THR B 109 11.14 -9.52 -30.47
N ALA B 110 10.38 -9.19 -29.43
CA ALA B 110 10.00 -10.21 -28.46
C ALA B 110 8.69 -9.84 -27.85
N VAL B 111 8.01 -10.83 -27.29
CA VAL B 111 6.80 -10.57 -26.54
C VAL B 111 7.13 -10.99 -25.13
N LEU B 112 6.88 -10.11 -24.20
CA LEU B 112 7.21 -10.41 -22.80
C LEU B 112 6.11 -11.31 -22.24
N GLY B 113 6.54 -12.27 -21.42
CA GLY B 113 5.61 -13.06 -20.63
C GLY B 113 5.73 -12.83 -19.14
N ARG B 114 6.07 -13.88 -18.42
CA ARG B 114 6.16 -13.79 -16.93
C ARG B 114 7.41 -12.98 -16.49
N ARG B 115 7.22 -12.23 -15.43
CA ARG B 115 8.29 -11.42 -14.85
C ARG B 115 9.14 -12.36 -13.97
N LEU B 116 10.45 -12.18 -14.07
CA LEU B 116 11.43 -13.06 -13.40
C LEU B 116 12.17 -12.36 -12.25
N GLY B 117 11.60 -11.32 -11.71
CA GLY B 117 12.15 -10.70 -10.54
C GLY B 117 13.00 -9.48 -10.77
N ARG B 118 13.31 -8.86 -9.66
CA ARG B 118 14.12 -7.69 -9.60
C ARG B 118 15.44 -8.03 -9.01
N VAL B 119 16.50 -7.51 -9.59
CA VAL B 119 17.83 -7.71 -9.05
C VAL B 119 18.43 -6.39 -8.75
N THR B 120 19.28 -6.33 -7.72
CA THR B 120 19.83 -5.05 -7.33
C THR B 120 21.29 -5.30 -7.05
N TYR B 121 22.14 -4.43 -7.55
CA TYR B 121 23.54 -4.60 -7.24
C TYR B 121 24.30 -3.32 -7.37
N PRO B 122 25.43 -3.22 -6.65
CA PRO B 122 26.17 -1.96 -6.64
C PRO B 122 26.88 -1.74 -7.93
N ILE B 123 26.94 -0.46 -8.30
CA ILE B 123 27.72 0.00 -9.46
C ILE B 123 28.50 1.26 -8.96
N PRO B 124 29.49 1.72 -9.72
CA PRO B 124 30.26 2.94 -9.36
C PRO B 124 29.41 4.15 -8.98
N GLN B 125 28.36 4.39 -9.77
CA GLN B 125 27.39 5.48 -9.55
C GLN B 125 26.47 5.29 -8.31
N GLY B 126 26.41 4.08 -7.72
CA GLY B 126 25.49 3.83 -6.63
C GLY B 126 24.89 2.45 -6.80
N THR B 127 23.63 2.42 -7.21
CA THR B 127 22.87 1.17 -7.16
C THR B 127 22.16 0.87 -8.47
N LYS B 128 22.27 -0.37 -8.98
CA LYS B 128 21.57 -0.74 -10.25
C LYS B 128 20.36 -1.59 -9.86
N ARG B 129 19.19 -1.25 -10.34
CA ARG B 129 18.03 -2.09 -10.12
C ARG B 129 17.48 -2.49 -11.47
N VAL B 130 17.38 -3.78 -11.75
CA VAL B 130 16.93 -4.28 -13.05
C VAL B 130 15.74 -5.23 -12.83
N TRP B 131 14.67 -4.99 -13.58
CA TRP B 131 13.54 -5.92 -13.62
C TRP B 131 13.72 -6.75 -14.89
N TYR B 132 13.53 -8.05 -14.76
CA TYR B 132 13.72 -8.99 -15.87
C TYR B 132 12.43 -9.72 -16.18
N TRP B 133 12.23 -10.04 -17.47
CA TRP B 133 11.11 -10.80 -17.97
C TRP B 133 11.64 -11.98 -18.77
N ALA B 134 10.83 -13.02 -18.88
CA ALA B 134 11.00 -14.06 -19.93
C ALA B 134 10.49 -13.38 -21.16
N ALA B 135 11.21 -13.48 -22.28
CA ALA B 135 10.66 -12.93 -23.48
C ALA B 135 10.90 -13.86 -24.70
N LYS B 136 9.83 -14.14 -25.42
CA LYS B 136 9.91 -15.04 -26.58
C LYS B 136 10.21 -14.27 -27.86
N SER B 137 11.25 -14.68 -28.57
CA SER B 137 11.58 -14.05 -29.85
C SER B 137 10.41 -14.15 -30.84
N THR B 138 10.08 -13.01 -31.45
CA THR B 138 9.03 -12.94 -32.50
C THR B 138 9.63 -12.60 -33.85
N GLY B 139 10.94 -12.52 -33.94
CA GLY B 139 11.60 -12.23 -35.23
C GLY B 139 12.91 -11.51 -35.04
N GLY B 140 13.65 -11.36 -36.12
CA GLY B 140 14.87 -10.55 -36.10
C GLY B 140 16.12 -11.45 -36.12
N ASP B 141 17.28 -10.82 -36.03
CA ASP B 141 18.57 -11.50 -36.14
C ASP B 141 19.59 -10.57 -35.57
N PHE B 142 20.66 -11.11 -34.99
CA PHE B 142 21.67 -10.31 -34.33
C PHE B 142 22.57 -9.60 -35.34
N SER B 143 22.90 -8.36 -35.03
CA SER B 143 24.02 -7.69 -35.60
C SER B 143 24.66 -6.87 -34.48
N PRO B 144 26.00 -6.78 -34.49
CA PRO B 144 26.75 -6.03 -33.48
C PRO B 144 26.34 -4.58 -33.34
N ASN B 145 26.23 -4.05 -32.10
N ASN B 145 26.59 -4.00 -32.18
CA ASN B 145 26.12 -2.56 -31.85
CA ASN B 145 26.23 -2.62 -31.95
C ASN B 145 27.29 -2.05 -31.02
C ASN B 145 27.30 -2.05 -31.00
N ASP B 146 27.24 -0.77 -30.63
CA ASP B 146 28.34 -0.18 -29.85
C ASP B 146 28.61 -0.93 -28.54
N GLU B 147 27.62 -1.63 -28.04
CA GLU B 147 27.73 -2.30 -26.72
C GLU B 147 28.02 -3.79 -26.79
N VAL B 148 27.37 -4.47 -27.72
CA VAL B 148 27.37 -5.92 -27.84
C VAL B 148 28.01 -6.37 -29.13
N ASP B 149 29.07 -7.16 -29.02
CA ASP B 149 29.77 -7.59 -30.25
C ASP B 149 29.42 -8.97 -30.65
N LYS B 150 28.92 -9.81 -29.71
CA LYS B 150 28.49 -11.17 -30.06
C LYS B 150 27.29 -11.61 -29.23
N LEU B 151 26.61 -12.61 -29.77
CA LEU B 151 25.44 -13.18 -29.14
C LEU B 151 25.45 -14.65 -29.41
N VAL B 152 25.21 -15.49 -28.41
CA VAL B 152 25.06 -16.92 -28.63
C VAL B 152 23.74 -17.39 -28.14
N TRP B 153 23.20 -18.40 -28.79
CA TRP B 153 22.01 -19.06 -28.33
C TRP B 153 22.39 -20.41 -27.72
N LEU B 154 21.94 -20.66 -26.49
CA LEU B 154 22.37 -21.83 -25.72
C LEU B 154 21.23 -22.44 -24.98
N PRO B 155 21.30 -23.75 -24.75
CA PRO B 155 20.37 -24.31 -23.82
C PRO B 155 20.70 -23.80 -22.47
N VAL B 156 19.77 -23.97 -21.57
CA VAL B 156 19.82 -23.31 -20.28
C VAL B 156 21.00 -23.67 -19.41
N ASP B 157 21.34 -24.96 -19.28
N ASP B 157 21.26 -24.97 -19.31
CA ASP B 157 22.55 -25.33 -18.52
CA ASP B 157 22.45 -25.54 -18.72
C ASP B 157 23.82 -24.73 -19.12
C ASP B 157 23.74 -24.82 -19.14
N ALA B 158 23.95 -24.72 -20.44
CA ALA B 158 25.16 -24.13 -21.04
C ALA B 158 25.17 -22.60 -20.86
N ALA B 159 23.97 -22.04 -20.94
CA ALA B 159 23.82 -20.55 -20.74
C ALA B 159 24.27 -20.19 -19.34
N MET B 160 23.88 -21.01 -18.40
CA MET B 160 24.22 -20.77 -16.98
C MET B 160 25.76 -20.68 -16.80
N ASP B 161 26.47 -21.59 -17.49
CA ASP B 161 27.96 -21.62 -17.46
C ASP B 161 28.60 -20.39 -18.12
N GLN B 162 27.93 -19.87 -19.15
CA GLN B 162 28.41 -18.75 -19.96
C GLN B 162 28.25 -17.44 -19.21
N LEU B 163 27.12 -17.31 -18.50
CA LEU B 163 26.91 -16.18 -17.61
C LEU B 163 28.00 -16.16 -16.53
N GLN B 164 28.24 -15.00 -15.98
CA GLN B 164 29.28 -14.84 -15.01
C GLN B 164 28.81 -14.11 -13.75
N TYR B 165 27.71 -13.32 -13.82
CA TYR B 165 27.28 -12.54 -12.66
C TYR B 165 26.23 -13.32 -11.88
N PRO B 166 26.25 -13.23 -10.55
CA PRO B 166 25.23 -13.91 -9.74
C PRO B 166 23.78 -13.51 -10.03
N ASP B 167 23.58 -12.21 -10.27
CA ASP B 167 22.22 -11.71 -10.57
C ASP B 167 21.69 -12.33 -11.87
N ASP B 168 22.49 -12.38 -12.92
CA ASP B 168 22.02 -12.99 -14.14
C ASP B 168 21.72 -14.45 -13.94
N ARG B 169 22.57 -15.14 -13.17
CA ARG B 169 22.32 -16.57 -12.98
C ARG B 169 21.06 -16.79 -12.18
N LYS B 170 20.79 -15.89 -11.22
CA LYS B 170 19.59 -16.00 -10.46
C LYS B 170 18.34 -15.88 -11.31
N VAL B 171 18.30 -14.85 -12.15
CA VAL B 171 17.21 -14.67 -13.11
C VAL B 171 17.03 -15.89 -14.02
N LEU B 172 18.11 -16.44 -14.50
CA LEU B 172 18.02 -17.61 -15.41
C LEU B 172 17.50 -18.83 -14.64
N ARG B 173 17.83 -18.92 -13.35
CA ARG B 173 17.21 -19.96 -12.50
C ARG B 173 15.75 -19.81 -12.35
N ARG B 174 15.29 -18.57 -12.19
CA ARG B 174 13.88 -18.25 -12.08
C ARG B 174 13.15 -18.62 -13.41
N PHE B 175 13.79 -18.32 -14.55
CA PHE B 175 13.23 -18.61 -15.88
C PHE B 175 12.96 -20.10 -15.99
N VAL B 176 13.93 -20.90 -15.58
CA VAL B 176 13.70 -22.36 -15.65
C VAL B 176 12.65 -22.97 -14.69
N LYS B 177 12.36 -22.28 -13.60
CA LYS B 177 11.49 -22.84 -12.57
C LYS B 177 10.09 -23.09 -13.05
N ARG B 178 9.61 -22.32 -14.00
CA ARG B 178 8.22 -22.41 -14.43
C ARG B 178 8.15 -22.33 -15.91
N PRO B 179 7.04 -22.76 -16.50
CA PRO B 179 6.91 -22.73 -17.96
C PRO B 179 7.03 -21.27 -18.50
N VAL B 180 7.50 -21.15 -19.69
CA VAL B 180 7.65 -19.83 -20.32
C VAL B 180 6.85 -19.68 -21.57
N ASP B 181 6.30 -20.80 -22.05
CA ASP B 181 5.45 -20.75 -23.22
C ASP B 181 4.06 -20.47 -22.77
N THR B 182 3.83 -19.20 -22.47
CA THR B 182 2.64 -18.83 -21.73
C THR B 182 1.77 -17.90 -22.55
N LYS B 183 0.49 -17.92 -22.29
CA LYS B 183 -0.38 -16.82 -22.72
C LYS B 183 -0.69 -15.91 -21.55
N THR B 184 -1.28 -14.75 -21.85
CA THR B 184 -1.30 -13.66 -20.91
C THR B 184 -2.59 -12.97 -20.87
N VAL B 185 -3.10 -12.80 -19.66
CA VAL B 185 -4.30 -12.04 -19.44
C VAL B 185 -3.88 -10.79 -18.75
N LEU B 186 -4.24 -9.64 -19.30
CA LEU B 186 -3.83 -8.37 -18.75
C LEU B 186 -4.99 -7.68 -18.08
N VAL B 187 -4.96 -7.56 -16.76
CA VAL B 187 -6.07 -6.94 -16.03
C VAL B 187 -5.71 -5.54 -15.64
N VAL B 188 -6.43 -4.60 -16.19
CA VAL B 188 -6.02 -3.18 -16.07
C VAL B 188 -7.10 -2.40 -15.29
N ARG B 189 -6.68 -1.68 -14.26
CA ARG B 189 -7.56 -0.68 -13.69
C ARG B 189 -7.66 0.54 -14.55
N HIS B 190 -8.90 1.01 -14.80
CA HIS B 190 -9.06 2.25 -15.54
C HIS B 190 -8.20 3.42 -15.01
N GLY B 191 -7.84 4.32 -15.90
CA GLY B 191 -7.06 5.44 -15.51
C GLY B 191 -7.86 6.50 -14.68
N THR B 192 -7.14 7.54 -14.32
CA THR B 192 -7.66 8.57 -13.45
C THR B 192 -8.83 9.28 -14.17
N ALA B 193 -9.90 9.49 -13.41
CA ALA B 193 -11.17 10.02 -13.93
C ALA B 193 -11.92 10.95 -12.93
N GLY B 194 -11.18 11.76 -12.20
CA GLY B 194 -11.80 12.66 -11.23
C GLY B 194 -12.47 11.89 -10.13
N ARG B 195 -13.60 12.37 -9.61
CA ARG B 195 -14.21 11.78 -8.39
C ARG B 195 -15.70 11.61 -8.51
N ARG B 196 -16.24 10.49 -7.99
CA ARG B 196 -17.71 10.24 -8.01
C ARG B 196 -18.39 11.37 -7.29
N SER B 197 -17.96 11.59 -6.03
CA SER B 197 -18.35 12.74 -5.21
C SER B 197 -18.69 13.99 -6.02
N ARG B 198 -17.71 14.53 -6.73
CA ARG B 198 -17.91 15.81 -7.41
C ARG B 198 -18.40 15.64 -8.86
N TYR B 199 -18.92 14.47 -9.23
CA TYR B 199 -19.44 14.32 -10.59
C TYR B 199 -20.95 14.21 -10.48
N LYS B 200 -21.62 15.23 -11.00
CA LYS B 200 -23.08 15.27 -11.03
C LYS B 200 -23.54 14.75 -12.39
N GLY B 201 -24.61 13.96 -12.37
CA GLY B 201 -25.02 13.19 -13.54
C GLY B 201 -24.47 11.78 -13.46
N ASP B 202 -25.04 10.90 -14.28
CA ASP B 202 -24.79 9.44 -14.28
C ASP B 202 -23.32 9.04 -14.23
N ASP B 203 -22.92 8.48 -13.10
CA ASP B 203 -21.51 8.25 -12.85
C ASP B 203 -20.91 7.25 -13.87
N ARG B 204 -21.76 6.47 -14.53
CA ARG B 204 -21.26 5.48 -15.41
C ARG B 204 -20.59 6.13 -16.61
N LYS B 205 -20.96 7.37 -16.89
CA LYS B 205 -20.38 8.16 -17.99
C LYS B 205 -19.20 9.02 -17.59
N ARG B 206 -18.79 9.03 -16.34
CA ARG B 206 -17.71 9.87 -15.93
C ARG B 206 -16.43 9.50 -16.72
N PRO B 207 -15.85 10.48 -17.43
CA PRO B 207 -14.71 10.20 -18.29
C PRO B 207 -13.36 10.30 -17.64
N LEU B 208 -12.36 9.77 -18.35
CA LEU B 208 -11.00 9.99 -17.91
C LEU B 208 -10.75 11.45 -17.85
N ASP B 209 -9.94 11.87 -16.88
CA ASP B 209 -9.38 13.20 -16.91
C ASP B 209 -8.14 13.36 -17.76
N LYS B 210 -7.50 14.52 -17.78
CA LYS B 210 -6.39 14.68 -18.67
C LYS B 210 -5.24 13.69 -18.41
N ARG B 211 -4.93 13.57 -17.12
CA ARG B 211 -3.99 12.52 -16.67
C ARG B 211 -4.36 11.12 -17.18
N GLY B 212 -5.62 10.77 -17.01
CA GLY B 212 -6.13 9.48 -17.35
C GLY B 212 -6.02 9.17 -18.83
N ARG B 213 -6.33 10.19 -19.65
CA ARG B 213 -6.16 10.08 -21.07
C ARG B 213 -4.69 9.83 -21.41
N ALA B 214 -3.75 10.50 -20.73
CA ALA B 214 -2.33 10.34 -20.98
C ALA B 214 -1.91 8.93 -20.51
N GLN B 215 -2.51 8.40 -19.45
CA GLN B 215 -2.23 7.03 -19.04
C GLN B 215 -2.72 6.04 -20.11
N ALA B 216 -3.92 6.28 -20.67
CA ALA B 216 -4.43 5.47 -21.75
C ALA B 216 -3.50 5.44 -22.93
N GLU B 217 -2.98 6.59 -23.35
CA GLU B 217 -1.99 6.62 -24.40
C GLU B 217 -0.73 5.79 -24.06
N ALA B 218 -0.22 5.99 -22.85
CA ALA B 218 0.96 5.29 -22.40
C ALA B 218 0.77 3.76 -22.27
N LEU B 219 -0.43 3.31 -21.97
CA LEU B 219 -0.73 1.92 -21.89
C LEU B 219 -0.61 1.20 -23.23
N VAL B 220 -0.66 1.89 -24.34
CA VAL B 220 -0.55 1.23 -25.62
C VAL B 220 0.80 0.44 -25.68
N ALA B 221 1.91 1.13 -25.50
CA ALA B 221 3.22 0.45 -25.64
C ALA B 221 3.41 -0.60 -24.54
N GLN B 222 2.89 -0.29 -23.34
N GLN B 222 2.88 -0.34 -23.37
CA GLN B 222 2.83 -1.20 -22.17
CA GLN B 222 2.99 -1.29 -22.31
C GLN B 222 2.20 -2.54 -22.48
C GLN B 222 2.21 -2.59 -22.53
N LEU B 223 0.98 -2.52 -23.03
CA LEU B 223 0.23 -3.73 -23.23
C LEU B 223 0.64 -4.43 -24.51
N MET B 224 1.07 -3.66 -25.50
CA MET B 224 1.61 -4.24 -26.70
C MET B 224 2.91 -5.04 -26.37
N ALA B 225 3.68 -4.62 -25.37
CA ALA B 225 4.91 -5.35 -25.00
C ALA B 225 4.58 -6.82 -24.62
N PHE B 226 3.37 -7.02 -24.11
CA PHE B 226 2.89 -8.37 -23.74
C PHE B 226 2.07 -9.05 -24.85
N GLY B 227 1.99 -8.44 -25.98
CA GLY B 227 1.30 -9.09 -27.09
C GLY B 227 -0.22 -9.10 -26.90
N ALA B 228 -0.81 -8.05 -26.31
CA ALA B 228 -2.27 -7.92 -26.23
C ALA B 228 -2.90 -8.10 -27.60
N THR B 229 -3.97 -8.87 -27.67
CA THR B 229 -4.66 -9.03 -28.96
C THR B 229 -6.15 -8.72 -28.92
N THR B 230 -6.79 -8.78 -27.76
CA THR B 230 -8.25 -8.71 -27.68
C THR B 230 -8.61 -7.90 -26.44
N LEU B 231 -9.74 -7.22 -26.45
CA LEU B 231 -10.03 -6.15 -25.52
C LEU B 231 -11.43 -6.25 -24.93
N TYR B 232 -11.50 -6.06 -23.62
CA TYR B 232 -12.70 -6.21 -22.87
C TYR B 232 -12.68 -5.09 -21.82
N ALA B 233 -13.79 -4.44 -21.63
CA ALA B 233 -13.95 -3.43 -20.61
C ALA B 233 -15.29 -3.54 -19.86
N ALA B 234 -15.25 -3.29 -18.56
CA ALA B 234 -16.43 -3.17 -17.79
C ALA B 234 -17.30 -2.07 -18.34
N ASP B 235 -18.63 -2.12 -18.05
CA ASP B 235 -19.61 -1.26 -18.63
C ASP B 235 -19.56 0.11 -18.02
N ARG B 236 -18.40 0.74 -18.12
CA ARG B 236 -18.23 2.08 -17.66
C ARG B 236 -17.38 2.81 -18.67
N VAL B 237 -17.80 4.02 -18.99
CA VAL B 237 -17.10 4.83 -19.96
C VAL B 237 -15.58 4.93 -19.69
N ARG B 238 -15.21 5.14 -18.43
CA ARG B 238 -13.80 5.39 -18.09
C ARG B 238 -12.95 4.09 -18.36
N CYS B 239 -13.58 2.96 -18.22
CA CYS B 239 -12.92 1.66 -18.51
C CYS B 239 -12.71 1.50 -20.00
N HIS B 240 -13.75 1.76 -20.78
CA HIS B 240 -13.56 1.78 -22.23
C HIS B 240 -12.49 2.77 -22.72
N GLN B 241 -12.52 4.00 -22.25
CA GLN B 241 -11.58 5.04 -22.70
C GLN B 241 -10.14 4.66 -22.39
N THR B 242 -9.96 3.92 -21.31
CA THR B 242 -8.59 3.51 -20.89
C THR B 242 -7.92 2.67 -21.99
N ILE B 243 -8.72 1.83 -22.65
CA ILE B 243 -8.22 1.00 -23.74
C ILE B 243 -8.60 1.35 -25.16
N GLU B 244 -9.31 2.45 -25.36
CA GLU B 244 -9.56 3.00 -26.72
C GLU B 244 -8.28 3.26 -27.54
N PRO B 245 -7.19 3.84 -26.97
CA PRO B 245 -5.99 3.99 -27.75
C PRO B 245 -5.43 2.65 -28.21
N LEU B 246 -5.46 1.68 -27.32
CA LEU B 246 -4.97 0.35 -27.68
C LEU B 246 -5.89 -0.30 -28.74
N ALA B 247 -7.17 -0.17 -28.54
CA ALA B 247 -8.13 -0.63 -29.59
C ALA B 247 -7.85 -0.03 -30.95
N GLN B 248 -7.63 1.31 -31.04
CA GLN B 248 -7.31 1.91 -32.30
C GLN B 248 -5.97 1.41 -32.86
N GLU B 249 -4.97 1.16 -32.00
CA GLU B 249 -3.67 0.62 -32.44
C GLU B 249 -3.85 -0.81 -33.03
N LEU B 250 -4.65 -1.62 -32.38
CA LEU B 250 -4.86 -2.98 -32.77
C LEU B 250 -5.92 -3.11 -33.88
N ASP B 251 -6.61 -2.03 -34.20
CA ASP B 251 -7.86 -2.07 -34.94
C ASP B 251 -8.79 -3.18 -34.45
N GLN B 252 -9.10 -3.13 -33.17
CA GLN B 252 -9.97 -4.08 -32.53
C GLN B 252 -11.12 -3.39 -31.92
N LEU B 253 -12.21 -4.13 -31.80
CA LEU B 253 -13.31 -3.68 -30.92
C LEU B 253 -13.10 -4.03 -29.46
N ILE B 254 -13.72 -3.24 -28.59
CA ILE B 254 -13.79 -3.51 -27.19
C ILE B 254 -15.10 -4.20 -26.80
N HIS B 255 -15.02 -5.40 -26.25
CA HIS B 255 -16.20 -6.07 -25.71
C HIS B 255 -16.65 -5.40 -24.44
N ASN B 256 -17.95 -5.14 -24.32
CA ASN B 256 -18.49 -4.56 -23.10
C ASN B 256 -18.87 -5.64 -22.11
N GLU B 257 -18.54 -5.42 -20.84
CA GLU B 257 -18.67 -6.44 -19.83
C GLU B 257 -19.46 -5.91 -18.61
N PRO B 258 -20.80 -5.90 -18.73
CA PRO B 258 -21.61 -5.50 -17.54
C PRO B 258 -21.34 -6.28 -16.24
N LEU B 259 -20.95 -7.55 -16.35
CA LEU B 259 -20.71 -8.39 -15.17
C LEU B 259 -19.43 -8.07 -14.36
N LEU B 260 -18.60 -7.16 -14.89
CA LEU B 260 -17.29 -6.84 -14.29
C LEU B 260 -17.23 -5.44 -13.72
N THR B 261 -18.40 -4.80 -13.58
CA THR B 261 -18.48 -3.62 -12.82
C THR B 261 -18.43 -3.89 -11.34
N GLU B 262 -18.17 -2.83 -10.59
CA GLU B 262 -18.21 -2.90 -9.12
C GLU B 262 -19.58 -3.37 -8.60
N GLU B 263 -20.63 -2.77 -9.10
CA GLU B 263 -21.98 -3.08 -8.67
C GLU B 263 -22.30 -4.50 -9.02
N ALA B 264 -21.94 -4.94 -10.23
CA ALA B 264 -22.18 -6.36 -10.59
C ALA B 264 -21.42 -7.38 -9.78
N TYR B 265 -20.15 -7.07 -9.56
CA TYR B 265 -19.26 -7.96 -8.83
C TYR B 265 -19.73 -8.09 -7.37
N ALA B 266 -20.18 -6.95 -6.82
CA ALA B 266 -20.71 -6.89 -5.46
C ALA B 266 -22.01 -7.72 -5.32
N ALA B 267 -22.89 -7.66 -6.30
CA ALA B 267 -24.10 -8.50 -6.34
C ALA B 267 -23.78 -9.99 -6.60
N ASP B 268 -22.77 -10.28 -7.42
CA ASP B 268 -22.54 -11.64 -7.83
C ASP B 268 -21.09 -11.86 -8.28
N HIS B 269 -20.21 -11.97 -7.30
CA HIS B 269 -18.80 -12.15 -7.58
C HIS B 269 -18.52 -13.45 -8.36
N LYS B 270 -19.37 -14.47 -8.16
CA LYS B 270 -19.19 -15.76 -8.83
C LYS B 270 -19.41 -15.66 -10.37
N ALA B 271 -20.41 -14.88 -10.78
CA ALA B 271 -20.66 -14.67 -12.20
C ALA B 271 -19.49 -13.88 -12.85
N ALA B 272 -18.84 -13.03 -12.07
CA ALA B 272 -17.64 -12.30 -12.57
C ALA B 272 -16.44 -13.20 -12.76
N ARG B 273 -16.19 -14.05 -11.77
CA ARG B 273 -15.16 -15.09 -11.92
C ARG B 273 -15.38 -16.01 -13.11
N LYS B 274 -16.61 -16.49 -13.29
CA LYS B 274 -16.85 -17.34 -14.42
C LYS B 274 -16.61 -16.60 -15.73
N ARG B 275 -17.02 -15.33 -15.81
CA ARG B 275 -16.84 -14.52 -17.01
C ARG B 275 -15.35 -14.30 -17.30
N LEU B 276 -14.63 -14.05 -16.23
CA LEU B 276 -13.16 -13.94 -16.31
C LEU B 276 -12.48 -15.17 -16.92
N LEU B 277 -12.75 -16.38 -16.42
CA LEU B 277 -12.22 -17.58 -17.06
C LEU B 277 -12.66 -17.78 -18.48
N GLU B 278 -13.87 -17.38 -18.83
CA GLU B 278 -14.36 -17.55 -20.21
C GLU B 278 -13.50 -16.71 -21.18
N ILE B 279 -13.29 -15.49 -20.75
CA ILE B 279 -12.48 -14.53 -21.53
C ILE B 279 -11.08 -15.08 -21.62
N ALA B 280 -10.52 -15.49 -20.50
CA ALA B 280 -9.14 -16.04 -20.50
C ALA B 280 -8.93 -17.28 -21.35
N GLY B 281 -9.97 -18.11 -21.53
CA GLY B 281 -9.85 -19.30 -22.36
C GLY B 281 -9.80 -19.14 -23.83
N ARG B 282 -10.38 -18.05 -24.35
CA ARG B 282 -10.44 -17.81 -25.79
C ARG B 282 -9.04 -17.60 -26.32
N PRO B 283 -8.82 -17.87 -27.61
CA PRO B 283 -7.54 -17.64 -28.20
C PRO B 283 -7.09 -16.18 -28.08
N GLY B 284 -5.81 -15.96 -27.83
CA GLY B 284 -5.25 -14.61 -27.80
C GLY B 284 -4.87 -14.23 -26.37
N ASN B 285 -4.39 -12.99 -26.25
CA ASN B 285 -4.02 -12.36 -24.96
C ASN B 285 -4.95 -11.24 -24.71
N PRO B 286 -5.94 -11.43 -23.78
CA PRO B 286 -6.97 -10.41 -23.58
C PRO B 286 -6.54 -9.35 -22.61
N VAL B 287 -6.91 -8.11 -22.87
CA VAL B 287 -6.90 -7.03 -21.89
C VAL B 287 -8.29 -6.84 -21.33
N ILE B 288 -8.40 -6.78 -20.02
CA ILE B 288 -9.65 -6.62 -19.36
C ILE B 288 -9.54 -5.40 -18.47
N CYS B 289 -10.21 -4.31 -18.82
CA CYS B 289 -10.20 -3.11 -18.04
C CYS B 289 -11.38 -3.04 -17.14
N THR B 290 -11.12 -2.96 -15.85
CA THR B 290 -12.24 -2.85 -14.92
C THR B 290 -11.89 -1.93 -13.79
N GLN B 291 -12.54 -2.14 -12.62
CA GLN B 291 -12.52 -1.19 -11.52
C GLN B 291 -11.80 -1.67 -10.25
N GLY B 292 -11.53 -0.72 -9.35
CA GLY B 292 -10.67 -0.95 -8.21
C GLY B 292 -11.20 -1.89 -7.13
N LYS B 293 -12.53 -2.00 -7.03
CA LYS B 293 -13.14 -2.93 -6.06
C LYS B 293 -13.43 -4.25 -6.68
N VAL B 294 -13.13 -4.42 -7.96
CA VAL B 294 -13.28 -5.75 -8.59
C VAL B 294 -11.95 -6.47 -8.64
N ILE B 295 -10.90 -5.74 -8.99
CA ILE B 295 -9.64 -6.37 -9.30
C ILE B 295 -8.99 -7.17 -8.17
N PRO B 296 -8.84 -6.55 -7.00
CA PRO B 296 -8.25 -7.31 -5.90
C PRO B 296 -8.90 -8.66 -5.65
N GLY B 297 -10.23 -8.72 -5.60
CA GLY B 297 -10.94 -9.95 -5.32
C GLY B 297 -10.74 -10.96 -6.42
N LEU B 298 -10.79 -10.52 -7.68
CA LEU B 298 -10.46 -11.49 -8.76
C LEU B 298 -9.01 -12.03 -8.69
N ILE B 299 -8.06 -11.15 -8.40
CA ILE B 299 -6.69 -11.56 -8.46
C ILE B 299 -6.38 -12.50 -7.28
N GLU B 300 -6.87 -12.14 -6.10
CA GLU B 300 -6.59 -12.97 -4.88
C GLU B 300 -7.20 -14.32 -5.14
N TRP B 301 -8.46 -14.34 -5.59
CA TRP B 301 -9.10 -15.62 -5.88
C TRP B 301 -8.27 -16.50 -6.82
N TRP B 302 -7.78 -15.91 -7.90
CA TRP B 302 -7.01 -16.72 -8.85
C TRP B 302 -5.66 -17.15 -8.26
N CYS B 303 -4.98 -16.24 -7.57
CA CYS B 303 -3.74 -16.60 -6.97
C CYS B 303 -3.89 -17.73 -5.91
N GLU B 304 -4.93 -17.68 -5.09
CA GLU B 304 -5.18 -18.77 -4.06
C GLU B 304 -5.44 -20.10 -4.73
N ARG B 305 -6.37 -20.09 -5.68
CA ARG B 305 -6.71 -21.25 -6.49
C ARG B 305 -5.46 -21.90 -7.09
N ALA B 306 -4.51 -21.10 -7.59
CA ALA B 306 -3.40 -21.63 -8.32
C ALA B 306 -2.17 -21.70 -7.48
N LYS B 307 -2.22 -21.18 -6.25
CA LYS B 307 -1.05 -21.15 -5.37
C LYS B 307 0.09 -20.33 -5.95
N VAL B 308 -0.25 -19.17 -6.49
CA VAL B 308 0.73 -18.25 -7.04
C VAL B 308 0.85 -17.10 -6.07
N ARG B 309 2.08 -16.67 -5.80
CA ARG B 309 2.26 -15.49 -5.01
C ARG B 309 2.89 -14.31 -5.80
N PRO B 310 2.24 -13.17 -5.78
CA PRO B 310 2.85 -12.07 -6.54
C PRO B 310 4.15 -11.49 -5.89
N GLU B 311 5.15 -11.06 -6.67
CA GLU B 311 6.32 -10.32 -6.14
C GLU B 311 6.00 -8.88 -5.72
N THR B 312 5.04 -8.24 -6.38
CA THR B 312 4.60 -6.87 -6.09
C THR B 312 3.10 -6.86 -6.00
N THR B 313 2.55 -5.81 -5.38
CA THR B 313 1.12 -5.71 -5.30
C THR B 313 0.74 -4.26 -5.22
N GLY B 314 -0.53 -4.00 -5.52
CA GLY B 314 -1.06 -2.68 -5.59
C GLY B 314 -2.37 -2.71 -6.33
N ASN B 315 -3.01 -1.54 -6.48
CA ASN B 315 -4.29 -1.42 -7.13
C ASN B 315 -4.57 -0.02 -7.72
N ARG B 316 -3.54 0.67 -8.11
CA ARG B 316 -3.67 2.02 -8.55
C ARG B 316 -4.35 2.11 -9.92
N LYS B 317 -5.00 3.22 -10.14
CA LYS B 317 -5.59 3.52 -11.46
C LYS B 317 -4.52 3.57 -12.51
N GLY B 318 -4.72 2.83 -13.62
CA GLY B 318 -3.73 2.72 -14.64
C GLY B 318 -2.79 1.55 -14.48
N SER B 319 -2.92 0.81 -13.40
CA SER B 319 -2.08 -0.32 -13.09
C SER B 319 -2.51 -1.51 -13.94
N THR B 320 -1.64 -2.51 -14.00
CA THR B 320 -1.84 -3.71 -14.80
C THR B 320 -1.37 -4.94 -14.07
N TRP B 321 -2.22 -5.95 -13.98
CA TRP B 321 -1.79 -7.26 -13.55
C TRP B 321 -1.57 -8.11 -14.77
N VAL B 322 -0.36 -8.65 -14.91
CA VAL B 322 -0.01 -9.56 -15.97
C VAL B 322 -0.17 -10.96 -15.44
N LEU B 323 -1.14 -11.69 -15.94
CA LEU B 323 -1.40 -13.03 -15.48
C LEU B 323 -0.91 -13.97 -16.57
N SER B 324 0.07 -14.78 -16.23
CA SER B 324 0.64 -15.71 -17.20
C SER B 324 0.05 -17.13 -16.96
N LEU B 325 -0.40 -17.77 -18.05
CA LEU B 325 -1.06 -19.07 -18.04
C LEU B 325 -0.31 -20.07 -18.92
N SER B 326 -0.23 -21.30 -18.44
CA SER B 326 0.31 -22.42 -19.19
C SER B 326 -0.70 -23.56 -19.05
N ASP B 327 -1.30 -23.95 -20.16
CA ASP B 327 -2.24 -25.07 -20.22
C ASP B 327 -3.41 -24.78 -19.34
N GLY B 328 -3.85 -23.52 -19.32
CA GLY B 328 -4.92 -23.09 -18.45
C GLY B 328 -4.60 -22.73 -17.03
N GLU B 329 -3.36 -22.98 -16.61
N GLU B 329 -3.37 -22.93 -16.61
CA GLU B 329 -2.90 -22.84 -15.21
CA GLU B 329 -3.04 -22.78 -15.23
C GLU B 329 -2.17 -21.50 -15.03
C GLU B 329 -2.17 -21.53 -15.02
N LEU B 330 -2.56 -20.75 -14.02
CA LEU B 330 -1.90 -19.55 -13.68
C LEU B 330 -0.54 -19.89 -13.15
N VAL B 331 0.47 -19.29 -13.74
CA VAL B 331 1.82 -19.47 -13.30
C VAL B 331 2.58 -18.21 -12.93
N GLY B 332 1.93 -17.06 -13.03
CA GLY B 332 2.58 -15.83 -12.60
C GLY B 332 1.52 -14.79 -12.55
N ALA B 333 1.64 -13.86 -11.59
CA ALA B 333 0.82 -12.72 -11.46
C ALA B 333 1.66 -11.53 -11.08
N ASP B 334 1.86 -10.64 -12.05
CA ASP B 334 2.91 -9.58 -11.95
C ASP B 334 2.26 -8.26 -11.98
N TYR B 335 2.28 -7.51 -10.87
CA TYR B 335 1.60 -6.23 -10.80
C TYR B 335 2.56 -5.18 -11.35
N LEU B 336 2.06 -4.34 -12.28
CA LEU B 336 2.83 -3.29 -12.89
C LEU B 336 2.20 -2.00 -12.46
N SER B 337 3.04 -1.05 -12.07
N SER B 337 3.00 -1.06 -11.97
CA SER B 337 2.58 0.28 -11.70
CA SER B 337 2.43 0.21 -11.57
C SER B 337 1.86 0.98 -12.87
C SER B 337 1.83 0.95 -12.79
N PRO B 338 1.03 1.99 -12.54
CA PRO B 338 0.59 2.90 -13.62
C PRO B 338 1.76 3.45 -14.40
N PRO B 339 1.57 3.71 -15.70
CA PRO B 339 2.69 4.00 -16.55
C PRO B 339 3.35 5.35 -16.26
N ASP B 340 2.66 6.18 -15.48
CA ASP B 340 3.22 7.46 -15.07
C ASP B 340 3.67 7.53 -13.60
N GLU B 341 3.87 6.38 -12.95
CA GLU B 341 4.33 6.30 -11.55
C GLU B 341 5.49 5.31 -11.49
N LYS B 342 6.46 5.59 -10.62
CA LYS B 342 7.64 4.72 -10.32
C LYS B 342 7.41 3.24 -10.59
#